data_3SUH
#
_entry.id   3SUH
#
_cell.length_a   126.597
_cell.length_b   126.597
_cell.length_c   149.164
_cell.angle_alpha   90.00
_cell.angle_beta   90.00
_cell.angle_gamma   120.00
#
_symmetry.space_group_name_H-M   'H 3 2'
#
loop_
_entity.id
_entity.type
_entity.pdbx_description
1 polymer Riboswitch
2 non-polymer 'SODIUM ION'
3 non-polymer 'N-[4-({[(6S)-2-amino-5-formyl-4-oxo-3,4,5,6,7,8-hexahydropteridin-6-yl]methyl}amino)benzoyl]-L-glutamic acid'
4 water water
#
_entity_poly.entity_id   1
_entity_poly.type   'polyribonucleotide'
_entity_poly.pdbx_seq_one_letter_code
;GGACAGAGUAGGUAAACGUGCGUAAAGUGCCUGAGGGACGGGGAGUUGUCCUCAGGACGAACACCGAAAGGUGGCGGUAC
GUUUACCGCAUCUCGCUGUU(CCC)
;
_entity_poly.pdbx_strand_id   X
#
loop_
_chem_comp.id
_chem_comp.type
_chem_comp.name
_chem_comp.formula
A RNA linking ADENOSINE-5'-MONOPHOSPHATE 'C10 H14 N5 O7 P'
C RNA linking CYTIDINE-5'-MONOPHOSPHATE 'C9 H14 N3 O8 P'
CCC RNA linking 'CYTIDINE-5'-PHOSPHATE-2',3'-CYCLIC PHOSPHATE' 'C9 H13 N3 O10 P2'
FFO non-polymer 'N-[4-({[(6S)-2-amino-5-formyl-4-oxo-3,4,5,6,7,8-hexahydropteridin-6-yl]methyl}amino)benzoyl]-L-glutamic acid' 'C20 H23 N7 O7'
G RNA linking GUANOSINE-5'-MONOPHOSPHATE 'C10 H14 N5 O8 P'
NA non-polymer 'SODIUM ION' 'Na 1'
U RNA linking URIDINE-5'-MONOPHOSPHATE 'C9 H13 N2 O9 P'
#
# COMPACT_ATOMS: atom_id res chain seq x y z
PC CCC A 101 32.19 21.32 -14.76
O1C CCC A 101 32.88 22.49 -15.42
O2C CCC A 101 32.90 20.91 -13.48
P CCC A 101 25.71 21.56 -16.81
OP1 CCC A 101 25.53 22.89 -16.10
OP2 CCC A 101 25.65 21.50 -18.31
O5' CCC A 101 27.13 20.94 -16.34
C5' CCC A 101 27.51 20.91 -14.97
C4' CCC A 101 28.86 20.21 -14.87
O4' CCC A 101 28.81 19.03 -15.68
C3' CCC A 101 29.95 21.09 -15.47
O3' CCC A 101 30.69 21.71 -14.44
C2' CCC A 101 30.82 20.11 -16.28
O2' CCC A 101 32.15 20.07 -15.77
C1' CCC A 101 30.15 18.76 -16.10
N1 CCC A 101 30.12 17.99 -17.35
C2 CCC A 101 30.54 16.72 -17.35
O2 CCC A 101 30.96 16.19 -16.34
N3 CCC A 101 30.48 16.06 -18.49
C4 CCC A 101 30.01 16.72 -19.53
N4 CCC A 101 29.93 16.13 -20.72
C5 CCC A 101 29.64 17.92 -19.40
C6 CCC A 101 29.69 18.50 -18.36
NA NA B . -26.11 -11.23 -4.64
NA NA C . -18.83 -20.22 -5.64
N1 FFO D . -17.92 -18.54 7.98
C2 FFO D . -17.67 -19.59 8.78
NA2 FFO D . -17.26 -20.75 8.26
N3 FFO D . -17.80 -19.48 10.17
C4 FFO D . -18.21 -18.27 10.71
O4 FFO D . -18.34 -18.15 11.93
C4A FFO D . -18.45 -17.20 9.86
N5 FFO D . -18.94 -16.00 10.34
C6 FFO D . -18.70 -14.76 9.58
C7 FFO D . -19.11 -15.00 8.12
N8 FFO D . -18.61 -16.30 7.63
C8A FFO D . -18.32 -17.37 8.49
C9 FFO D . -17.23 -14.35 9.66
N10 FFO D . -16.91 -13.90 11.02
C11 FFO D . -17.82 -10.13 12.42
C12 FFO D . -16.91 -10.94 13.09
C13 FFO D . -16.62 -12.22 12.63
C14 FFO D . -17.21 -12.68 11.46
C15 FFO D . -18.12 -11.87 10.78
C16 FFO D . -18.43 -10.61 11.26
C FFO D . -18.19 -8.74 12.97
O FFO D . -17.66 -8.30 14.00
N FFO D . -19.12 -8.09 12.27
CA FFO D . -19.66 -6.75 12.63
CB FFO D . -20.32 -6.82 14.03
CG FFO D . -21.70 -6.14 14.03
CD FFO D . -22.27 -6.06 15.45
OE1 FFO D . -21.66 -5.37 16.29
OE2 FFO D . -23.32 -6.72 15.67
CT FFO D . -18.56 -5.67 12.64
O1 FFO D . -17.37 -6.04 12.49
O2 FFO D . -18.95 -4.48 12.80
C5A FFO D . -19.75 -16.00 11.40
O5B FFO D . -20.24 -14.95 11.80
#